data_6YLU
#
_entry.id   6YLU
#
_cell.length_a   82.250
_cell.length_b   112.110
_cell.length_c   62.520
_cell.angle_alpha   90.000
_cell.angle_beta   90.000
_cell.angle_gamma   90.000
#
_symmetry.space_group_name_H-M   'C 2 2 21'
#
loop_
_entity.id
_entity.type
_entity.pdbx_description
1 polymer '14-3-3 protein sigma'
2 polymer BLNKpT152
3 non-polymer 'MAGNESIUM ION'
4 water water
#
loop_
_entity_poly.entity_id
_entity_poly.type
_entity_poly.pdbx_seq_one_letter_code
_entity_poly.pdbx_strand_id
1 'polypeptide(L)'
;GAMGSMERASLIQKAKLAEQAERYEDMAAFMKGAVEKGEELSCEERNLLSVAYKNVVGGQRAAWRVLSSIEQKSNEEGSE
EKGPEVREYREKVETELQGVCDTVLGLLDSHLIKEAGDAESRVFYLKMKGDYYRYLAEVATGDDKKRIIDSARSAYQEAM
DISKKEMPPTNPIRLGLALNFSVFHYEIANSPEEAISLAKTTFDEAMADLHTLSEDSYKDSTLIMQLLRDNLTLWT
;
A
2 'polypeptide(L)' ARLTS(TPO)LPALTA B
#
# COMPACT_ATOMS: atom_id res chain seq x y z
N GLY A 1 -15.51 11.28 -16.01
CA GLY A 1 -14.35 11.74 -15.28
C GLY A 1 -13.68 12.91 -15.97
N ALA A 2 -12.95 13.72 -15.21
CA ALA A 2 -12.34 14.93 -15.76
C ALA A 2 -11.22 14.61 -16.74
N MET A 3 -10.71 13.38 -16.74
CA MET A 3 -9.65 12.97 -17.65
C MET A 3 -10.18 12.23 -18.87
N GLY A 4 -11.50 12.19 -19.03
CA GLY A 4 -12.09 11.39 -20.10
C GLY A 4 -11.71 11.87 -21.49
N SER A 5 -11.42 13.16 -21.64
CA SER A 5 -11.10 13.70 -22.96
CA SER A 5 -11.10 13.73 -22.95
C SER A 5 -9.60 13.68 -23.28
N MET A 6 -8.75 13.25 -22.36
CA MET A 6 -7.31 13.20 -22.62
C MET A 6 -6.87 11.82 -23.09
N GLU A 7 -5.95 11.80 -24.06
CA GLU A 7 -5.42 10.53 -24.56
C GLU A 7 -4.74 9.75 -23.45
N ARG A 8 -4.90 8.42 -23.48
CA ARG A 8 -4.19 7.55 -22.54
C ARG A 8 -2.70 7.85 -22.51
N ALA A 9 -2.06 7.95 -23.68
CA ALA A 9 -0.61 8.18 -23.68
C ALA A 9 -0.26 9.52 -23.04
N SER A 10 -1.08 10.55 -23.26
CA SER A 10 -0.81 11.84 -22.65
C SER A 10 -1.00 11.80 -21.14
N LEU A 11 -2.00 11.05 -20.66
CA LEU A 11 -2.15 10.88 -19.23
C LEU A 11 -0.91 10.21 -18.62
N ILE A 12 -0.38 9.19 -19.28
CA ILE A 12 0.83 8.55 -18.77
CA ILE A 12 0.83 8.56 -18.74
C ILE A 12 2.00 9.52 -18.81
N GLN A 13 2.15 10.24 -19.92
CA GLN A 13 3.24 11.22 -20.02
C GLN A 13 3.14 12.28 -18.92
N LYS A 14 1.91 12.76 -18.64
CA LYS A 14 1.76 13.78 -17.60
C LYS A 14 1.91 13.20 -16.20
N ALA A 15 1.52 11.94 -15.98
CA ALA A 15 1.80 11.33 -14.69
C ALA A 15 3.30 11.34 -14.39
N LYS A 16 4.13 11.06 -15.41
CA LYS A 16 5.57 11.05 -15.22
C LYS A 16 6.10 12.46 -14.97
N LEU A 17 5.54 13.46 -15.65
CA LEU A 17 5.90 14.85 -15.36
C LEU A 17 5.51 15.25 -13.95
N ALA A 18 4.30 14.88 -13.52
CA ALA A 18 3.86 15.22 -12.17
C ALA A 18 4.76 14.59 -11.13
N GLU A 19 5.23 13.36 -11.36
CA GLU A 19 6.18 12.73 -10.44
C GLU A 19 7.45 13.57 -10.33
N GLN A 20 8.00 14.02 -11.47
CA GLN A 20 9.21 14.83 -11.43
C GLN A 20 8.98 16.13 -10.69
N ALA A 21 7.78 16.69 -10.80
CA ALA A 21 7.43 17.92 -10.12
C ALA A 21 6.96 17.69 -8.69
N GLU A 22 6.96 16.43 -8.23
CA GLU A 22 6.45 16.06 -6.91
CA GLU A 22 6.46 16.08 -6.90
C GLU A 22 5.03 16.54 -6.69
N ARG A 23 4.21 16.41 -7.74
CA ARG A 23 2.80 16.78 -7.70
C ARG A 23 1.99 15.50 -7.68
N TYR A 24 1.92 14.86 -6.50
CA TYR A 24 1.42 13.49 -6.48
C TYR A 24 -0.10 13.40 -6.58
N GLU A 25 -0.84 14.41 -6.12
CA GLU A 25 -2.28 14.43 -6.36
CA GLU A 25 -2.28 14.43 -6.36
C GLU A 25 -2.58 14.48 -7.86
N ASP A 26 -1.89 15.36 -8.58
CA ASP A 26 -2.00 15.38 -10.04
C ASP A 26 -1.62 14.03 -10.62
N MET A 27 -0.49 13.48 -10.18
CA MET A 27 -0.02 12.19 -10.69
C MET A 27 -1.09 11.11 -10.51
N ALA A 28 -1.75 11.10 -9.35
CA ALA A 28 -2.78 10.10 -9.08
C ALA A 28 -3.99 10.30 -9.97
N ALA A 29 -4.42 11.55 -10.15
CA ALA A 29 -5.57 11.83 -11.00
C ALA A 29 -5.28 11.45 -12.45
N PHE A 30 -4.06 11.70 -12.93
CA PHE A 30 -3.66 11.26 -14.27
C PHE A 30 -3.72 9.74 -14.37
N MET A 31 -3.16 9.02 -13.38
CA MET A 31 -3.18 7.57 -13.50
C MET A 31 -4.57 6.99 -13.32
N LYS A 32 -5.41 7.59 -12.47
CA LYS A 32 -6.80 7.18 -12.42
C LYS A 32 -7.43 7.31 -13.81
N GLY A 33 -7.20 8.46 -14.47
CA GLY A 33 -7.71 8.64 -15.82
C GLY A 33 -7.20 7.58 -16.78
N ALA A 34 -5.91 7.23 -16.67
CA ALA A 34 -5.35 6.18 -17.54
C ALA A 34 -6.01 4.83 -17.28
N VAL A 35 -6.20 4.48 -16.02
CA VAL A 35 -6.86 3.21 -15.69
C VAL A 35 -8.25 3.16 -16.30
N GLU A 36 -8.99 4.26 -16.18
CA GLU A 36 -10.37 4.31 -16.65
C GLU A 36 -10.50 4.26 -18.16
N LYS A 37 -9.39 4.35 -18.90
CA LYS A 37 -9.46 4.06 -20.33
C LYS A 37 -9.84 2.61 -20.61
N GLY A 38 -9.62 1.72 -19.64
CA GLY A 38 -10.11 0.35 -19.72
C GLY A 38 -9.10 -0.66 -20.22
N GLU A 39 -7.94 -0.23 -20.70
CA GLU A 39 -6.89 -1.14 -21.09
C GLU A 39 -6.06 -1.56 -19.88
N GLU A 40 -5.49 -2.76 -19.96
CA GLU A 40 -4.63 -3.23 -18.89
C GLU A 40 -3.39 -2.32 -18.80
N LEU A 41 -2.73 -2.36 -17.64
CA LEU A 41 -1.56 -1.53 -17.38
CA LEU A 41 -1.56 -1.53 -17.38
C LEU A 41 -0.29 -2.32 -17.55
N SER A 42 0.71 -1.70 -18.17
CA SER A 42 2.03 -2.29 -18.24
C SER A 42 2.68 -2.29 -16.86
N CYS A 43 3.83 -2.97 -16.75
CA CYS A 43 4.54 -2.99 -15.47
C CYS A 43 4.93 -1.59 -15.03
N GLU A 44 5.46 -0.79 -15.95
CA GLU A 44 5.83 0.58 -15.61
C GLU A 44 4.61 1.40 -15.20
N GLU A 45 3.49 1.21 -15.90
CA GLU A 45 2.27 1.96 -15.58
C GLU A 45 1.70 1.55 -14.23
N ARG A 46 1.76 0.25 -13.90
CA ARG A 46 1.32 -0.18 -12.58
C ARG A 46 2.14 0.48 -11.51
N ASN A 47 3.43 0.64 -11.74
CA ASN A 47 4.24 1.24 -10.69
C ASN A 47 3.97 2.74 -10.58
N LEU A 48 3.64 3.40 -11.70
CA LEU A 48 3.23 4.80 -11.62
C LEU A 48 1.96 4.95 -10.79
N LEU A 49 1.00 4.06 -11.01
CA LEU A 49 -0.24 4.10 -10.23
C LEU A 49 0.05 3.95 -8.74
N SER A 50 0.87 2.96 -8.40
CA SER A 50 1.17 2.70 -6.99
CA SER A 50 1.18 2.69 -6.99
C SER A 50 1.93 3.86 -6.34
N VAL A 51 2.96 4.37 -7.02
CA VAL A 51 3.72 5.50 -6.49
C VAL A 51 2.82 6.71 -6.27
N ALA A 52 1.93 6.99 -7.22
CA ALA A 52 1.09 8.19 -7.09
C ALA A 52 0.20 8.09 -5.85
N TYR A 53 -0.58 7.03 -5.75
CA TYR A 53 -1.50 6.93 -4.62
C TYR A 53 -0.76 6.70 -3.30
N LYS A 54 0.39 6.02 -3.32
CA LYS A 54 1.14 5.83 -2.07
CA LYS A 54 1.14 5.83 -2.07
C LYS A 54 1.56 7.16 -1.49
N ASN A 55 2.00 8.09 -2.35
CA ASN A 55 2.42 9.39 -1.87
C ASN A 55 1.23 10.21 -1.37
N VAL A 56 0.11 10.14 -2.08
CA VAL A 56 -1.09 10.87 -1.63
C VAL A 56 -1.54 10.33 -0.28
N VAL A 57 -1.77 9.03 -0.19
CA VAL A 57 -2.28 8.46 1.06
C VAL A 57 -1.23 8.56 2.17
N GLY A 58 0.06 8.56 1.81
CA GLY A 58 1.09 8.69 2.82
C GLY A 58 1.07 10.04 3.51
N GLY A 59 0.83 11.11 2.75
CA GLY A 59 0.63 12.43 3.37
C GLY A 59 -0.57 12.45 4.30
N GLN A 60 -1.67 11.80 3.90
CA GLN A 60 -2.87 11.80 4.73
C GLN A 60 -2.66 10.97 5.98
N ARG A 61 -1.96 9.84 5.87
CA ARG A 61 -1.71 9.01 7.04
C ARG A 61 -0.83 9.74 8.05
N ALA A 62 0.23 10.41 7.57
CA ALA A 62 1.07 11.19 8.47
C ALA A 62 0.26 12.28 9.18
N ALA A 63 -0.63 12.94 8.44
CA ALA A 63 -1.44 14.01 9.03
C ALA A 63 -2.43 13.44 10.04
N TRP A 64 -3.10 12.35 9.68
CA TRP A 64 -4.04 11.71 10.60
C TRP A 64 -3.36 11.29 11.90
N ARG A 65 -2.13 10.78 11.82
CA ARG A 65 -1.44 10.36 13.04
C ARG A 65 -1.12 11.55 13.94
N VAL A 66 -0.70 12.66 13.34
CA VAL A 66 -0.43 13.87 14.12
C VAL A 66 -1.69 14.32 14.84
N LEU A 67 -2.80 14.41 14.10
CA LEU A 67 -4.06 14.87 14.66
C LEU A 67 -4.63 13.87 15.67
N SER A 68 -4.46 12.57 15.42
CA SER A 68 -4.94 11.57 16.38
CA SER A 68 -4.94 11.57 16.38
C SER A 68 -4.18 11.67 17.70
N SER A 69 -2.87 11.91 17.62
CA SER A 69 -2.07 12.07 18.83
CA SER A 69 -2.08 12.06 18.84
C SER A 69 -2.54 13.27 19.64
N ILE A 70 -2.80 14.39 18.96
CA ILE A 70 -3.31 15.57 19.66
C ILE A 70 -4.64 15.28 20.29
N GLU A 71 -5.51 14.57 19.56
CA GLU A 71 -6.84 14.26 20.06
C GLU A 71 -6.76 13.38 21.30
N GLN A 72 -5.89 12.36 21.29
CA GLN A 72 -5.73 11.54 22.50
C GLN A 72 -5.19 12.35 23.66
N LYS A 73 -4.25 13.25 23.38
CA LYS A 73 -3.75 14.14 24.42
C LYS A 73 -4.87 14.96 25.04
N SER A 74 -5.79 15.47 24.22
CA SER A 74 -6.88 16.29 24.72
C SER A 74 -7.91 15.49 25.52
N ASN A 75 -7.89 14.17 25.41
CA ASN A 75 -8.79 13.29 26.15
C ASN A 75 -8.13 12.67 27.38
N GLU A 76 -6.98 13.19 27.79
CA GLU A 76 -6.30 12.70 28.98
C GLU A 76 -6.87 13.35 30.24
N GLU A 77 -6.34 12.92 31.39
CA GLU A 77 -6.76 13.46 32.68
C GLU A 77 -6.09 14.80 32.92
N GLY A 78 -6.87 15.78 33.39
CA GLY A 78 -6.33 17.11 33.59
C GLY A 78 -6.14 17.93 32.33
N SER A 79 -6.53 17.39 31.18
CA SER A 79 -6.39 18.10 29.92
C SER A 79 -7.56 19.07 29.75
N GLU A 80 -7.24 20.33 29.45
CA GLU A 80 -8.27 21.36 29.36
C GLU A 80 -9.15 21.11 28.13
N GLU A 81 -10.47 21.16 28.33
CA GLU A 81 -11.41 21.01 27.24
C GLU A 81 -11.27 22.15 26.22
N LYS A 82 -11.12 21.80 24.95
CA LYS A 82 -10.89 22.81 23.93
C LYS A 82 -11.94 22.80 22.82
N GLY A 83 -13.04 22.05 23.00
CA GLY A 83 -14.11 22.05 22.04
C GLY A 83 -13.99 20.94 21.02
N PRO A 84 -14.89 20.94 20.03
CA PRO A 84 -14.96 19.83 19.07
C PRO A 84 -13.94 19.91 17.94
N GLU A 85 -13.09 20.95 17.91
CA GLU A 85 -12.34 21.25 16.70
C GLU A 85 -11.34 20.15 16.38
N VAL A 86 -10.62 19.64 17.37
CA VAL A 86 -9.62 18.63 17.10
C VAL A 86 -10.27 17.39 16.50
N ARG A 87 -11.34 16.91 17.13
CA ARG A 87 -12.06 15.76 16.57
C ARG A 87 -12.58 16.06 15.17
N GLU A 88 -13.20 17.23 14.97
CA GLU A 88 -13.75 17.57 13.66
C GLU A 88 -12.68 17.51 12.57
N TYR A 89 -11.53 18.11 12.83
CA TYR A 89 -10.49 18.18 11.81
C TYR A 89 -9.82 16.82 11.61
N ARG A 90 -9.64 16.05 12.68
CA ARG A 90 -9.17 14.67 12.49
C ARG A 90 -10.17 13.89 11.64
N GLU A 91 -11.46 14.09 11.88
CA GLU A 91 -12.48 13.42 11.08
CA GLU A 91 -12.50 13.45 11.09
C GLU A 91 -12.44 13.88 9.63
N LYS A 92 -12.18 15.17 9.39
CA LYS A 92 -12.07 15.66 8.01
CA LYS A 92 -12.07 15.66 8.02
C LYS A 92 -10.94 14.96 7.27
N VAL A 93 -9.76 14.90 7.89
CA VAL A 93 -8.61 14.25 7.26
C VAL A 93 -8.89 12.78 7.06
N GLU A 94 -9.48 12.14 8.09
CA GLU A 94 -9.79 10.72 8.04
C GLU A 94 -10.74 10.40 6.89
N THR A 95 -11.75 11.25 6.69
CA THR A 95 -12.72 11.04 5.62
C THR A 95 -12.05 11.17 4.26
N GLU A 96 -11.13 12.13 4.10
CA GLU A 96 -10.44 12.28 2.84
CA GLU A 96 -10.42 12.29 2.84
C GLU A 96 -9.52 11.09 2.58
N LEU A 97 -8.87 10.58 3.62
CA LEU A 97 -8.05 9.37 3.50
CA LEU A 97 -8.05 9.37 3.50
C LEU A 97 -8.89 8.17 3.07
N GLN A 98 -10.04 7.98 3.71
CA GLN A 98 -10.92 6.87 3.35
C GLN A 98 -11.39 7.03 1.92
N GLY A 99 -11.63 8.26 1.49
CA GLY A 99 -12.03 8.48 0.11
C GLY A 99 -10.97 8.06 -0.88
N VAL A 100 -9.70 8.35 -0.57
CA VAL A 100 -8.62 7.92 -1.45
C VAL A 100 -8.53 6.40 -1.46
N CYS A 101 -8.62 5.77 -0.30
CA CYS A 101 -8.57 4.30 -0.26
C CYS A 101 -9.72 3.71 -1.06
N ASP A 102 -10.93 4.24 -0.90
CA ASP A 102 -12.06 3.74 -1.66
C ASP A 102 -11.85 3.92 -3.17
N THR A 103 -11.25 5.03 -3.56
CA THR A 103 -10.98 5.26 -4.98
C THR A 103 -10.03 4.19 -5.54
N VAL A 104 -8.94 3.91 -4.82
CA VAL A 104 -8.01 2.88 -5.28
C VAL A 104 -8.68 1.52 -5.32
N LEU A 105 -9.39 1.16 -4.24
CA LEU A 105 -10.07 -0.13 -4.22
C LEU A 105 -11.10 -0.23 -5.34
N GLY A 106 -11.75 0.88 -5.66
CA GLY A 106 -12.69 0.87 -6.77
C GLY A 106 -12.03 0.63 -8.11
N LEU A 107 -10.82 1.20 -8.31
CA LEU A 107 -10.09 0.95 -9.55
C LEU A 107 -9.68 -0.51 -9.65
N LEU A 108 -9.21 -1.08 -8.53
CA LEU A 108 -8.84 -2.49 -8.54
C LEU A 108 -10.04 -3.38 -8.81
N ASP A 109 -11.19 -3.01 -8.25
CA ASP A 109 -12.39 -3.81 -8.44
C ASP A 109 -13.06 -3.55 -9.78
N SER A 110 -12.83 -2.38 -10.40
CA SER A 110 -13.46 -2.05 -11.68
C SER A 110 -12.41 -1.42 -12.61
N HIS A 111 -11.60 -2.23 -13.29
CA HIS A 111 -11.71 -3.69 -13.35
C HIS A 111 -10.31 -4.30 -13.43
N LEU A 112 -9.36 -3.71 -12.72
CA LEU A 112 -7.96 -4.10 -12.85
C LEU A 112 -7.73 -5.57 -12.47
N ILE A 113 -8.28 -5.99 -11.32
CA ILE A 113 -7.94 -7.33 -10.83
C ILE A 113 -8.53 -8.40 -11.73
N LYS A 114 -9.77 -8.23 -12.16
CA LYS A 114 -10.40 -9.32 -12.91
C LYS A 114 -9.76 -9.51 -14.28
N GLU A 115 -9.08 -8.49 -14.79
CA GLU A 115 -8.39 -8.61 -16.07
C GLU A 115 -6.94 -9.06 -15.94
N ALA A 116 -6.40 -9.15 -14.72
CA ALA A 116 -4.98 -9.43 -14.53
C ALA A 116 -4.77 -10.94 -14.44
N GLY A 117 -4.20 -11.51 -15.50
CA GLY A 117 -3.95 -12.95 -15.56
C GLY A 117 -2.53 -13.36 -15.20
N ASP A 118 -1.55 -12.54 -15.56
CA ASP A 118 -0.17 -12.88 -15.24
C ASP A 118 0.09 -12.70 -13.76
N ALA A 119 1.01 -13.52 -13.23
CA ALA A 119 1.32 -13.48 -11.80
C ALA A 119 1.81 -12.10 -11.37
N GLU A 120 2.66 -11.47 -12.20
CA GLU A 120 3.24 -10.19 -11.80
C GLU A 120 2.18 -9.10 -11.67
N SER A 121 1.19 -9.09 -12.54
CA SER A 121 0.12 -8.11 -12.41
CA SER A 121 0.10 -8.12 -12.43
C SER A 121 -0.87 -8.51 -11.33
N ARG A 122 -1.27 -9.78 -11.29
CA ARG A 122 -2.29 -10.20 -10.33
C ARG A 122 -1.79 -10.05 -8.90
N VAL A 123 -0.54 -10.43 -8.64
CA VAL A 123 0.03 -10.27 -7.29
C VAL A 123 0.18 -8.79 -6.96
N PHE A 124 0.61 -7.96 -7.92
CA PHE A 124 0.75 -6.53 -7.68
CA PHE A 124 0.75 -6.53 -7.68
C PHE A 124 -0.58 -5.91 -7.24
N TYR A 125 -1.67 -6.25 -7.94
CA TYR A 125 -2.95 -5.62 -7.64
C TYR A 125 -3.55 -6.15 -6.34
N LEU A 126 -3.34 -7.44 -6.06
CA LEU A 126 -3.86 -7.98 -4.81
C LEU A 126 -3.10 -7.43 -3.61
N LYS A 127 -1.78 -7.23 -3.76
CA LYS A 127 -1.02 -6.54 -2.72
C LYS A 127 -1.57 -5.13 -2.49
N MET A 128 -1.82 -4.41 -3.58
CA MET A 128 -2.42 -3.08 -3.46
CA MET A 128 -2.42 -3.08 -3.46
C MET A 128 -3.75 -3.14 -2.72
N LYS A 129 -4.59 -4.12 -3.07
CA LYS A 129 -5.87 -4.25 -2.39
C LYS A 129 -5.65 -4.46 -0.89
N GLY A 130 -4.71 -5.34 -0.53
CA GLY A 130 -4.40 -5.52 0.88
C GLY A 130 -3.89 -4.26 1.54
N ASP A 131 -3.01 -3.53 0.84
CA ASP A 131 -2.46 -2.29 1.38
C ASP A 131 -3.55 -1.29 1.68
N TYR A 132 -4.47 -1.07 0.74
CA TYR A 132 -5.43 0.01 0.96
C TYR A 132 -6.55 -0.39 1.91
N TYR A 133 -6.88 -1.69 2.02
CA TYR A 133 -7.70 -2.09 3.16
C TYR A 133 -6.94 -1.92 4.48
N ARG A 134 -5.63 -2.15 4.47
CA ARG A 134 -4.84 -1.93 5.68
C ARG A 134 -4.87 -0.46 6.10
N TYR A 135 -4.80 0.48 5.15
CA TYR A 135 -4.86 1.88 5.56
C TYR A 135 -6.23 2.25 6.08
N LEU A 136 -7.30 1.69 5.47
CA LEU A 136 -8.61 1.82 6.08
C LEU A 136 -8.63 1.25 7.50
N ALA A 137 -7.99 0.10 7.71
CA ALA A 137 -8.02 -0.53 9.02
C ALA A 137 -7.30 0.31 10.07
N GLU A 138 -6.29 1.07 9.66
CA GLU A 138 -5.52 1.87 10.59
C GLU A 138 -6.38 2.93 11.26
N VAL A 139 -7.43 3.41 10.59
CA VAL A 139 -8.31 4.42 11.14
C VAL A 139 -9.67 3.87 11.54
N ALA A 140 -9.89 2.56 11.36
CA ALA A 140 -11.21 1.99 11.61
C ALA A 140 -11.45 1.80 13.10
N THR A 141 -12.67 2.14 13.55
CA THR A 141 -13.04 1.96 14.94
C THR A 141 -14.44 1.38 15.15
N GLY A 142 -15.21 1.18 14.08
CA GLY A 142 -16.61 0.84 14.19
C GLY A 142 -16.91 -0.63 14.02
N ASP A 143 -18.17 -0.92 13.69
CA ASP A 143 -18.67 -2.28 13.62
C ASP A 143 -18.04 -3.10 12.50
N ASP A 144 -17.54 -2.45 11.45
CA ASP A 144 -16.95 -3.15 10.32
C ASP A 144 -15.43 -3.17 10.37
N LYS A 145 -14.81 -2.81 11.50
CA LYS A 145 -13.37 -2.89 11.58
C LYS A 145 -12.88 -4.31 11.36
N LYS A 146 -13.57 -5.30 11.94
CA LYS A 146 -13.13 -6.67 11.74
C LYS A 146 -13.24 -7.07 10.29
N ARG A 147 -14.31 -6.64 9.61
CA ARG A 147 -14.49 -7.00 8.21
C ARG A 147 -13.46 -6.30 7.32
N ILE A 148 -13.07 -5.08 7.68
CA ILE A 148 -12.04 -4.38 6.93
C ILE A 148 -10.70 -5.10 7.09
N ILE A 149 -10.38 -5.51 8.32
CA ILE A 149 -9.16 -6.27 8.58
C ILE A 149 -9.17 -7.58 7.80
N ASP A 150 -10.31 -8.28 7.79
CA ASP A 150 -10.38 -9.54 7.05
CA ASP A 150 -10.33 -9.54 7.05
C ASP A 150 -10.24 -9.32 5.55
N SER A 151 -10.74 -8.20 5.03
CA SER A 151 -10.55 -7.94 3.60
C SER A 151 -9.09 -7.70 3.28
N ALA A 152 -8.36 -6.99 4.14
CA ALA A 152 -6.92 -6.86 3.93
C ALA A 152 -6.25 -8.23 3.96
N ARG A 153 -6.52 -9.01 5.01
CA ARG A 153 -5.90 -10.32 5.14
CA ARG A 153 -5.89 -10.32 5.13
C ARG A 153 -6.19 -11.21 3.93
N SER A 154 -7.45 -11.22 3.48
CA SER A 154 -7.82 -12.09 2.37
CA SER A 154 -7.82 -12.10 2.38
C SER A 154 -7.07 -11.73 1.09
N ALA A 155 -6.94 -10.43 0.82
CA ALA A 155 -6.24 -10.01 -0.39
C ALA A 155 -4.76 -10.34 -0.32
N TYR A 156 -4.13 -10.03 0.82
CA TYR A 156 -2.74 -10.40 1.02
C TYR A 156 -2.54 -11.90 0.88
N GLN A 157 -3.46 -12.70 1.42
CA GLN A 157 -3.30 -14.15 1.38
C GLN A 157 -3.39 -14.70 -0.04
N GLU A 158 -4.34 -14.21 -0.83
CA GLU A 158 -4.41 -14.67 -2.22
CA GLU A 158 -4.42 -14.64 -2.23
C GLU A 158 -3.16 -14.26 -2.98
N ALA A 159 -2.66 -13.05 -2.73
CA ALA A 159 -1.42 -12.61 -3.36
C ALA A 159 -0.26 -13.49 -2.93
N MET A 160 -0.18 -13.83 -1.63
CA MET A 160 0.89 -14.71 -1.17
C MET A 160 0.82 -16.07 -1.84
N ASP A 161 -0.38 -16.65 -1.92
CA ASP A 161 -0.52 -17.98 -2.50
C ASP A 161 -0.03 -18.00 -3.94
N ILE A 162 -0.43 -17.01 -4.73
CA ILE A 162 0.03 -16.92 -6.12
C ILE A 162 1.53 -16.68 -6.18
N SER A 163 2.03 -15.77 -5.33
CA SER A 163 3.45 -15.42 -5.41
CA SER A 163 3.45 -15.42 -5.37
C SER A 163 4.32 -16.62 -5.08
N LYS A 164 3.89 -17.44 -4.12
CA LYS A 164 4.69 -18.62 -3.78
C LYS A 164 4.65 -19.67 -4.87
N LYS A 165 3.52 -19.80 -5.58
CA LYS A 165 3.44 -20.76 -6.68
C LYS A 165 4.16 -20.29 -7.93
N GLU A 166 4.10 -18.99 -8.23
CA GLU A 166 4.46 -18.53 -9.57
C GLU A 166 5.72 -17.69 -9.65
N MET A 167 6.32 -17.29 -8.53
CA MET A 167 7.45 -16.36 -8.55
CA MET A 167 7.46 -16.40 -8.59
C MET A 167 8.60 -16.93 -7.75
N PRO A 168 9.84 -16.58 -8.10
CA PRO A 168 10.99 -16.99 -7.29
C PRO A 168 11.01 -16.23 -5.98
N PRO A 169 11.69 -16.75 -4.96
CA PRO A 169 11.68 -16.10 -3.64
C PRO A 169 12.36 -14.74 -3.61
N THR A 170 13.12 -14.38 -4.65
CA THR A 170 13.77 -13.07 -4.71
C THR A 170 12.97 -12.05 -5.51
N ASN A 171 11.87 -12.45 -6.10
CA ASN A 171 11.09 -11.53 -6.92
C ASN A 171 10.71 -10.29 -6.11
N PRO A 172 11.07 -9.07 -6.57
CA PRO A 172 10.77 -7.88 -5.76
C PRO A 172 9.31 -7.70 -5.40
N ILE A 173 8.40 -8.09 -6.29
CA ILE A 173 6.98 -7.99 -5.97
C ILE A 173 6.64 -8.93 -4.82
N ARG A 174 7.08 -10.18 -4.92
CA ARG A 174 6.89 -11.14 -3.84
C ARG A 174 7.48 -10.64 -2.53
N LEU A 175 8.69 -10.06 -2.60
CA LEU A 175 9.36 -9.58 -1.38
C LEU A 175 8.61 -8.41 -0.76
N GLY A 176 8.18 -7.46 -1.59
CA GLY A 176 7.45 -6.31 -1.08
C GLY A 176 6.09 -6.69 -0.52
N LEU A 177 5.45 -7.68 -1.14
CA LEU A 177 4.20 -8.21 -0.60
C LEU A 177 4.42 -8.81 0.78
N ALA A 178 5.45 -9.64 0.93
CA ALA A 178 5.69 -10.26 2.23
C ALA A 178 6.08 -9.23 3.28
N LEU A 179 6.91 -8.25 2.90
CA LEU A 179 7.21 -7.13 3.80
C LEU A 179 5.93 -6.51 4.35
N ASN A 180 5.01 -6.14 3.47
CA ASN A 180 3.81 -5.42 3.88
C ASN A 180 2.85 -6.32 4.64
N PHE A 181 2.70 -7.57 4.20
CA PHE A 181 1.83 -8.50 4.93
C PHE A 181 2.37 -8.74 6.33
N SER A 182 3.70 -8.78 6.47
CA SER A 182 4.28 -8.95 7.80
CA SER A 182 4.28 -8.95 7.80
C SER A 182 3.93 -7.77 8.70
N VAL A 183 3.97 -6.55 8.16
CA VAL A 183 3.59 -5.38 8.95
C VAL A 183 2.10 -5.38 9.26
N PHE A 184 1.27 -5.89 8.33
CA PHE A 184 -0.14 -6.11 8.61
C PHE A 184 -0.32 -6.98 9.84
N HIS A 185 0.42 -8.09 9.90
CA HIS A 185 0.32 -8.99 11.04
C HIS A 185 0.73 -8.28 12.32
N TYR A 186 1.80 -7.49 12.26
CA TYR A 186 2.30 -6.88 13.48
C TYR A 186 1.38 -5.75 13.95
N GLU A 187 1.00 -4.89 13.03
CA GLU A 187 0.34 -3.64 13.38
C GLU A 187 -1.17 -3.74 13.44
N ILE A 188 -1.78 -4.54 12.58
CA ILE A 188 -3.22 -4.58 12.42
C ILE A 188 -3.83 -5.81 13.07
N ALA A 189 -3.25 -6.98 12.82
CA ALA A 189 -3.79 -8.25 13.30
C ALA A 189 -3.31 -8.61 14.70
N ASN A 190 -2.47 -7.79 15.32
CA ASN A 190 -1.98 -8.05 16.67
C ASN A 190 -1.33 -9.44 16.74
N SER A 191 -0.60 -9.81 15.69
CA SER A 191 0.08 -11.11 15.61
C SER A 191 1.55 -10.89 15.35
N PRO A 192 2.29 -10.37 16.34
CA PRO A 192 3.72 -10.09 16.09
C PRO A 192 4.54 -11.36 15.83
N GLU A 193 4.15 -12.49 16.41
CA GLU A 193 4.90 -13.71 16.11
C GLU A 193 4.73 -14.12 14.64
N GLU A 194 3.52 -13.99 14.11
CA GLU A 194 3.33 -14.26 12.69
C GLU A 194 4.14 -13.28 11.85
N ALA A 195 4.15 -12.02 12.24
CA ALA A 195 4.92 -11.00 11.52
C ALA A 195 6.39 -11.35 11.47
N ILE A 196 6.97 -11.72 12.62
CA ILE A 196 8.39 -12.06 12.70
C ILE A 196 8.69 -13.31 11.88
N SER A 197 7.85 -14.34 12.02
CA SER A 197 8.06 -15.58 11.28
CA SER A 197 8.05 -15.58 11.28
C SER A 197 8.01 -15.33 9.77
N LEU A 198 7.03 -14.55 9.32
CA LEU A 198 6.94 -14.29 7.89
C LEU A 198 8.17 -13.53 7.40
N ALA A 199 8.62 -12.53 8.15
CA ALA A 199 9.75 -11.73 7.70
C ALA A 199 11.04 -12.56 7.68
N LYS A 200 11.25 -13.39 8.71
CA LYS A 200 12.45 -14.23 8.77
CA LYS A 200 12.46 -14.21 8.76
C LYS A 200 12.48 -15.23 7.63
N THR A 201 11.38 -15.96 7.45
CA THR A 201 11.31 -16.99 6.41
C THR A 201 11.45 -16.37 5.03
N THR A 202 10.81 -15.23 4.80
CA THR A 202 10.97 -14.53 3.53
C THR A 202 12.41 -14.15 3.28
N PHE A 203 13.06 -13.57 4.30
CA PHE A 203 14.45 -13.16 4.17
C PHE A 203 15.34 -14.37 3.86
N ASP A 204 15.19 -15.44 4.64
CA ASP A 204 16.04 -16.60 4.49
C ASP A 204 15.86 -17.25 3.12
N GLU A 205 14.63 -17.34 2.63
CA GLU A 205 14.44 -17.98 1.34
C GLU A 205 14.96 -17.11 0.20
N ALA A 206 14.86 -15.79 0.33
CA ALA A 206 15.47 -14.93 -0.68
C ALA A 206 16.99 -15.03 -0.65
N MET A 207 17.58 -15.03 0.55
CA MET A 207 19.03 -15.15 0.67
C MET A 207 19.55 -16.35 -0.14
N ALA A 208 18.88 -17.49 -0.04
CA ALA A 208 19.35 -18.71 -0.68
C ALA A 208 19.13 -18.72 -2.18
N ASP A 209 18.38 -17.75 -2.72
CA ASP A 209 18.11 -17.66 -4.16
C ASP A 209 18.91 -16.55 -4.83
N LEU A 210 19.65 -15.75 -4.05
CA LEU A 210 20.39 -14.63 -4.62
C LEU A 210 21.41 -15.08 -5.66
N HIS A 211 21.98 -16.27 -5.49
CA HIS A 211 23.04 -16.72 -6.39
C HIS A 211 22.56 -16.85 -7.84
N THR A 212 21.25 -16.92 -8.06
CA THR A 212 20.71 -17.09 -9.41
C THR A 212 20.61 -15.78 -10.18
N LEU A 213 20.82 -14.64 -9.51
CA LEU A 213 20.47 -13.33 -10.05
C LEU A 213 21.66 -12.62 -10.69
N SER A 214 21.35 -11.78 -11.66
CA SER A 214 22.26 -10.78 -12.18
C SER A 214 22.55 -9.71 -11.12
N GLU A 215 23.61 -8.92 -11.39
CA GLU A 215 24.00 -7.86 -10.48
C GLU A 215 22.85 -6.86 -10.25
N ASP A 216 22.12 -6.52 -11.31
CA ASP A 216 21.03 -5.56 -11.17
C ASP A 216 19.85 -6.15 -10.37
N SER A 217 19.48 -7.40 -10.65
CA SER A 217 18.40 -8.01 -9.86
C SER A 217 18.84 -8.26 -8.42
N TYR A 218 20.11 -8.62 -8.22
CA TYR A 218 20.64 -8.75 -6.86
CA TYR A 218 20.65 -8.75 -6.87
C TYR A 218 20.45 -7.47 -6.08
N LYS A 219 20.77 -6.32 -6.68
CA LYS A 219 20.57 -5.05 -5.98
C LYS A 219 19.09 -4.78 -5.71
N ASP A 220 18.23 -5.07 -6.68
CA ASP A 220 16.79 -4.89 -6.47
C ASP A 220 16.30 -5.72 -5.29
N SER A 221 16.71 -6.99 -5.20
CA SER A 221 16.19 -7.87 -4.17
C SER A 221 16.79 -7.56 -2.79
N THR A 222 18.09 -7.32 -2.73
CA THR A 222 18.72 -7.07 -1.43
C THR A 222 18.22 -5.77 -0.82
N LEU A 223 17.85 -4.79 -1.65
CA LEU A 223 17.26 -3.58 -1.11
C LEU A 223 16.02 -3.89 -0.26
N ILE A 224 15.17 -4.80 -0.74
CA ILE A 224 13.95 -5.08 0.00
C ILE A 224 14.22 -6.04 1.15
N MET A 225 15.17 -6.96 0.97
CA MET A 225 15.57 -7.80 2.10
C MET A 225 16.05 -6.95 3.26
N GLN A 226 16.71 -5.83 2.97
CA GLN A 226 17.17 -4.99 4.07
C GLN A 226 16.01 -4.40 4.84
N LEU A 227 14.89 -4.12 4.16
CA LEU A 227 13.71 -3.63 4.87
C LEU A 227 13.12 -4.70 5.78
N LEU A 228 13.11 -5.96 5.31
CA LEU A 228 12.70 -7.07 6.17
C LEU A 228 13.58 -7.13 7.42
N ARG A 229 14.89 -7.01 7.24
CA ARG A 229 15.81 -7.05 8.38
C ARG A 229 15.60 -5.86 9.29
N ASP A 230 15.35 -4.68 8.72
CA ASP A 230 15.09 -3.50 9.55
C ASP A 230 13.90 -3.74 10.45
N ASN A 231 12.83 -4.32 9.91
CA ASN A 231 11.67 -4.60 10.76
C ASN A 231 12.00 -5.64 11.82
N LEU A 232 12.72 -6.68 11.44
CA LEU A 232 13.10 -7.71 12.41
C LEU A 232 13.93 -7.12 13.54
N THR A 233 14.82 -6.18 13.23
CA THR A 233 15.60 -5.51 14.28
C THR A 233 14.71 -4.66 15.18
N LEU A 234 13.71 -4.01 14.59
CA LEU A 234 12.72 -3.28 15.37
C LEU A 234 11.98 -4.21 16.33
N TRP A 235 11.65 -5.41 15.87
CA TRP A 235 10.69 -6.28 16.55
C TRP A 235 11.33 -7.30 17.48
N THR A 236 12.65 -7.46 17.44
CA THR A 236 13.29 -8.50 18.24
C THR A 236 14.48 -7.96 19.00
N ARG B 2 6.35 6.46 13.62
CA ARG B 2 6.21 5.24 12.84
C ARG B 2 7.57 4.76 12.30
N LEU B 3 8.02 3.61 12.80
CA LEU B 3 9.34 3.11 12.45
C LEU B 3 9.33 1.88 11.53
N THR B 4 8.19 1.24 11.33
CA THR B 4 8.15 0.06 10.48
C THR B 4 8.30 0.46 9.01
N SER B 5 8.84 -0.45 8.21
CA SER B 5 9.08 -0.19 6.81
C SER B 5 8.13 -1.01 5.95
N LEU B 7 6.44 -1.00 1.59
CA LEU B 7 6.67 -0.52 0.21
C LEU B 7 5.38 -0.24 -0.57
N PRO B 8 5.38 0.75 -1.49
CA PRO B 8 6.45 1.70 -1.80
C PRO B 8 6.69 2.63 -0.64
N ALA B 9 7.83 3.30 -0.60
CA ALA B 9 8.14 4.25 0.47
C ALA B 9 8.03 5.67 -0.06
N LEU B 10 7.68 6.60 0.83
CA LEU B 10 7.57 8.01 0.43
C LEU B 10 8.94 8.63 0.15
#